data_6N2V
#
_entry.id   6N2V
#
_cell.length_a   81.296
_cell.length_b   85.167
_cell.length_c   92.463
_cell.angle_alpha   90.00
_cell.angle_beta   90.00
_cell.angle_gamma   90.00
#
_symmetry.space_group_name_H-M   'P 21 21 21'
#
loop_
_entity.id
_entity.type
_entity.pdbx_description
1 polymer 'X. oryzae Mn riboswitch optimized construct'
2 non-polymer 'MAGNESIUM ION'
3 non-polymer 'MANGANESE (II) ION'
4 non-polymer 'STRONTIUM ION'
5 non-polymer 'SODIUM ION'
6 water water
#
_entity_poly.entity_id   1
_entity_poly.type   'polyribonucleotide'
_entity_poly.pdbx_seq_one_letter_code
;(GTP)GCUUGGGGAGUAGCCUGCUUUCGGAAACGAAAGCGCCUGUAUCAACAUACUCGGCGAAAGCCGUGGUGCAGGACC
GAAAGGUCUGGCGAGACCAGGCC
;
_entity_poly.pdbx_strand_id   A,B
#
loop_
_chem_comp.id
_chem_comp.type
_chem_comp.name
_chem_comp.formula
A RNA linking ADENOSINE-5'-MONOPHOSPHATE 'C10 H14 N5 O7 P'
C RNA linking CYTIDINE-5'-MONOPHOSPHATE 'C9 H14 N3 O8 P'
G RNA linking GUANOSINE-5'-MONOPHOSPHATE 'C10 H14 N5 O8 P'
GTP non-polymer GUANOSINE-5'-TRIPHOSPHATE 'C10 H16 N5 O14 P3'
MG non-polymer 'MAGNESIUM ION' 'Mg 2'
MN non-polymer 'MANGANESE (II) ION' 'Mn 2'
NA non-polymer 'SODIUM ION' 'Na 1'
SR non-polymer 'STRONTIUM ION' 'Sr 2'
U RNA linking URIDINE-5'-MONOPHOSPHATE 'C9 H13 N2 O9 P'
#
# COMPACT_ATOMS: atom_id res chain seq x y z
PG GTP A 1 -2.54 14.68 32.23
O1G GTP A 1 -1.59 13.91 31.32
O2G GTP A 1 -2.94 16.04 31.50
O3G GTP A 1 -2.07 15.01 33.62
O3B GTP A 1 -3.86 13.77 32.40
PB GTP A 1 -4.49 12.98 31.15
O1B GTP A 1 -4.83 13.96 30.06
O2B GTP A 1 -3.58 11.81 30.83
O3A GTP A 1 -5.84 12.39 31.77
PA GTP A 1 -7.01 11.78 30.84
O1A GTP A 1 -6.38 10.98 29.74
O2A GTP A 1 -8.02 11.12 31.75
O5' GTP A 1 -7.70 13.09 30.22
C5' GTP A 1 -9.05 13.04 29.77
C4' GTP A 1 -9.81 14.23 30.34
O4' GTP A 1 -9.19 14.71 31.54
C3' GTP A 1 -9.88 15.40 29.38
O3' GTP A 1 -11.13 15.42 28.69
C2' GTP A 1 -9.73 16.62 30.25
O2' GTP A 1 -11.02 17.16 30.56
C1' GTP A 1 -9.06 16.14 31.53
N9 GTP A 1 -7.62 16.51 31.53
C8 GTP A 1 -6.61 15.67 31.84
N7 GTP A 1 -5.41 16.29 31.75
C5 GTP A 1 -5.63 17.56 31.38
C6 GTP A 1 -4.79 18.74 31.11
O6 GTP A 1 -3.54 18.70 31.21
N1 GTP A 1 -5.40 19.88 30.74
C2 GTP A 1 -6.75 19.96 30.61
N2 GTP A 1 -7.28 21.15 30.24
N3 GTP A 1 -7.58 18.91 30.86
C4 GTP A 1 -7.09 17.71 31.22
PG GTP B 1 12.31 -17.83 0.52
O1G GTP B 1 13.22 -18.25 -0.58
O2G GTP B 1 11.27 -18.91 0.75
O3G GTP B 1 13.00 -17.45 1.77
O3B GTP B 1 11.54 -16.58 0.12
PB GTP B 1 11.02 -15.66 1.38
O1B GTP B 1 12.26 -15.04 1.90
O2B GTP B 1 10.18 -16.36 2.38
O3A GTP B 1 10.26 -14.34 0.78
PA GTP B 1 10.77 -12.81 0.92
O1A GTP B 1 10.03 -11.95 0.00
O2A GTP B 1 10.66 -12.29 2.29
O5' GTP B 1 12.29 -12.65 0.51
C5' GTP B 1 12.66 -11.48 -0.24
C4' GTP B 1 14.06 -11.67 -0.86
O4' GTP B 1 14.93 -12.27 0.11
C3' GTP B 1 14.71 -11.81 -2.22
O3' GTP B 1 15.01 -10.54 -2.81
C2' GTP B 1 16.01 -12.55 -2.01
O2' GTP B 1 17.08 -11.64 -2.26
C1' GTP B 1 15.99 -12.97 -0.55
N9 GTP B 1 15.72 -14.43 -0.38
C8 GTP B 1 14.62 -14.95 0.19
N7 GTP B 1 14.66 -16.30 0.21
C5 GTP B 1 15.83 -16.67 -0.36
C6 GTP B 1 16.50 -17.96 -0.66
O6 GTP B 1 15.96 -19.05 -0.36
N1 GTP B 1 17.70 -17.91 -1.26
C2 GTP B 1 18.29 -16.74 -1.59
N2 GTP B 1 19.50 -16.77 -2.18
N3 GTP B 1 17.72 -15.53 -1.34
C4 GTP B 1 16.52 -15.43 -0.74
MG MG C . -0.55 14.78 25.32
MG MG D . -8.14 15.84 -1.31
MG MG E . 20.51 1.53 0.61
MG MG F . 1.18 12.10 5.09
MG MG G . -1.48 30.45 -14.84
MG MG H . -20.25 28.86 -28.73
MG MG I . 15.24 12.92 -0.25
MG MG J . 3.64 26.94 31.20
MG MG K . -5.75 29.12 -21.04
MG MG L . -9.63 29.17 -27.17
MG MG M . -6.88 32.01 -22.68
MG MG N . -6.30 32.86 -17.08
MG MG O . -3.09 22.19 -15.90
MG MG P . -19.03 4.80 -7.36
MG MG Q . -29.84 5.44 -14.00
MG MG R . -16.34 -1.88 -14.22
MG MG S . 11.64 -4.27 1.98
MN MN T . 2.06 1.17 6.15
MN MN U . -8.85 19.27 2.85
SR SR V . 7.49 10.22 -9.13
SR SR W . 1.73 12.91 -12.32
SR SR X . -4.03 14.74 12.18
SR SR Y . 2.43 6.31 7.15
SR SR Z . 2.55 -2.98 -3.66
SR SR AA . -36.26 -2.14 -12.66
MN MN BA . 4.24 3.03 -31.78
MN MN CA . -6.45 -10.66 -16.11
MN MN DA . -26.78 -15.73 -15.10
MG MG EA . 12.10 -15.44 -22.97
MG MG FA . -5.87 -10.12 -60.90
MG MG GA . -13.68 -4.62 -21.02
MG MG HA . -3.69 -19.26 -21.96
MG MG IA . -2.49 -9.28 -42.37
MG MG JA . 8.97 -16.61 -12.02
MG MG KA . 0.92 -10.67 -32.98
MG MG LA . -0.22 -11.37 -40.47
MG MG MA . 10.90 -14.32 -9.77
MG MG NA . 25.04 -21.70 -0.79
MG MG OA . 2.49 -18.72 -23.63
MG MG PA . -6.26 -14.94 -17.26
MG MG QA . -11.85 -13.54 -36.69
MG MG RA . -2.53 -13.38 -52.33
MG MG SA . -8.98 -14.03 -52.72
MG MG TA . -6.16 -16.50 -48.70
MG MG UA . -22.35 -21.79 -34.74
MG MG VA . -18.50 -16.24 -20.05
MG MG WA . -27.76 -14.29 -16.47
MG MG XA . -21.39 -17.74 -19.72
MG MG YA . -20.29 -14.61 -16.96
MG MG ZA . 2.43 6.98 -25.71
MN MN AB . 4.73 22.41 -35.80
MN MN BB . -6.12 -11.67 -47.19
NA NA CB . 1.66 -4.49 -25.84
SR SR DB . 6.52 -16.35 -17.56
SR SR EB . -14.92 -15.57 -31.70
SR SR FB . 9.38 -19.70 -4.29
#